data_9NY3
#
_entry.id   9NY3
#
_entity_poly.entity_id   1
_entity_poly.type   'polypeptide(L)'
_entity_poly.pdbx_seq_one_letter_code
;GGRGHVPEYFVRGDLISFYK
;
_entity_poly.pdbx_strand_id   A
#
# COMPACT_ATOMS: atom_id res chain seq x y z
N GLY A 1 -1.80 3.18 2.69
CA GLY A 1 -2.59 4.37 2.36
C GLY A 1 -1.78 5.70 2.30
N GLY A 2 -0.51 5.54 1.80
CA GLY A 2 0.52 6.55 1.64
C GLY A 2 1.86 5.96 1.19
N ARG A 3 2.97 6.67 1.63
CA ARG A 3 4.32 6.21 1.29
C ARG A 3 4.90 5.33 2.40
N GLY A 4 5.96 4.53 2.01
CA GLY A 4 6.43 3.47 2.89
C GLY A 4 7.59 2.67 2.29
N HIS A 5 7.85 1.51 2.98
CA HIS A 5 8.62 0.41 2.39
C HIS A 5 8.06 -0.92 2.95
N VAL A 6 6.72 -0.85 3.25
CA VAL A 6 5.91 -1.99 3.66
C VAL A 6 4.58 -1.69 2.94
N PRO A 7 4.03 -2.64 2.11
CA PRO A 7 2.72 -2.40 1.51
C PRO A 7 1.62 -2.29 2.55
N GLU A 8 0.54 -1.56 2.09
CA GLU A 8 -0.72 -1.71 2.81
C GLU A 8 -1.18 -3.18 2.56
N TYR A 9 -2.25 -3.58 3.30
CA TYR A 9 -2.68 -4.97 3.33
C TYR A 9 -3.34 -5.35 1.99
N PHE A 10 -3.81 -6.67 1.87
CA PHE A 10 -4.23 -7.15 0.56
C PHE A 10 -5.32 -6.25 -0.07
N VAL A 11 -5.05 -5.88 -1.37
CA VAL A 11 -5.72 -4.76 -2.02
C VAL A 11 -5.64 -5.06 -3.54
N ARG A 12 -6.57 -4.41 -4.30
CA ARG A 12 -6.65 -4.59 -5.73
C ARG A 12 -7.33 -3.34 -6.34
N GLY A 13 -7.48 -3.35 -7.70
CA GLY A 13 -8.19 -2.27 -8.37
C GLY A 13 -7.28 -1.09 -8.73
N ASP A 14 -6.83 -0.36 -7.65
CA ASP A 14 -5.85 0.68 -7.87
C ASP A 14 -4.43 0.13 -7.75
N LEU A 15 -3.42 1.08 -7.81
CA LEU A 15 -2.02 0.66 -7.66
C LEU A 15 -1.83 0.22 -6.19
N ILE A 16 -0.78 -0.65 -5.98
CA ILE A 16 -0.43 -1.08 -4.63
C ILE A 16 0.02 0.18 -3.84
N SER A 17 -0.53 0.29 -2.59
CA SER A 17 -0.21 1.41 -1.70
C SER A 17 0.65 0.89 -0.54
N PHE A 18 1.25 1.88 0.22
CA PHE A 18 2.24 1.58 1.23
C PHE A 18 1.92 2.37 2.53
N TYR A 19 2.64 1.99 3.64
CA TYR A 19 2.52 2.70 4.92
C TYR A 19 3.86 2.57 5.69
N LYS A 20 4.01 3.45 6.77
CA LYS A 20 5.09 3.40 7.75
C LYS A 20 6.40 2.98 7.08
N GLY A 1 -1.04 2.75 2.05
CA GLY A 1 -1.85 3.96 2.21
C GLY A 1 -1.32 5.24 1.58
N GLY A 2 0.03 5.30 1.37
CA GLY A 2 0.62 6.48 0.78
C GLY A 2 2.12 6.24 0.68
N ARG A 3 2.90 7.31 1.07
CA ARG A 3 4.33 7.08 1.20
C ARG A 3 4.61 6.20 2.45
N GLY A 4 5.48 5.17 2.23
CA GLY A 4 5.79 4.21 3.28
C GLY A 4 6.87 3.23 2.86
N HIS A 5 6.57 1.93 2.95
CA HIS A 5 7.54 0.92 2.58
C HIS A 5 6.87 -0.46 2.46
N VAL A 6 6.32 -0.91 3.64
CA VAL A 6 5.65 -2.21 3.65
C VAL A 6 4.35 -1.96 2.86
N PRO A 7 3.97 -2.91 1.95
CA PRO A 7 2.67 -2.81 1.28
C PRO A 7 1.58 -2.97 2.33
N GLU A 8 0.48 -2.20 2.11
CA GLU A 8 -0.67 -2.25 3.01
C GLU A 8 -1.51 -3.54 2.70
N TYR A 9 -2.29 -4.02 3.74
CA TYR A 9 -3.02 -5.29 3.61
C TYR A 9 -4.26 -5.10 2.77
N PHE A 10 -4.54 -3.85 2.45
CA PHE A 10 -5.69 -3.49 1.65
C PHE A 10 -5.35 -3.55 0.16
N VAL A 11 -6.00 -4.48 -0.63
CA VAL A 11 -5.84 -4.47 -2.10
C VAL A 11 -4.38 -4.82 -2.55
N ARG A 12 -4.25 -6.02 -3.23
CA ARG A 12 -2.94 -6.57 -3.54
C ARG A 12 -2.91 -6.94 -5.03
N GLY A 13 -2.94 -5.86 -5.89
CA GLY A 13 -2.92 -6.07 -7.33
C GLY A 13 -2.77 -4.76 -8.08
N ASP A 14 -3.90 -4.11 -8.38
CA ASP A 14 -3.88 -2.84 -9.10
C ASP A 14 -3.57 -1.69 -8.13
N LEU A 15 -2.62 -0.84 -8.50
CA LEU A 15 -2.23 0.29 -7.66
C LEU A 15 -2.01 -0.17 -6.22
N ILE A 16 -0.74 -0.31 -5.83
CA ILE A 16 -0.38 -0.76 -4.48
C ILE A 16 0.27 0.37 -3.69
N SER A 17 -0.36 0.70 -2.52
CA SER A 17 0.14 1.79 -1.68
C SER A 17 0.94 1.16 -0.54
N PHE A 18 1.64 2.05 0.26
CA PHE A 18 2.62 1.57 1.22
C PHE A 18 2.43 2.32 2.56
N TYR A 19 3.15 1.84 3.64
CA TYR A 19 3.03 2.48 4.97
C TYR A 19 4.32 2.22 5.82
N LYS A 20 4.44 3.01 6.96
CA LYS A 20 5.58 2.85 7.86
C LYS A 20 5.69 1.40 8.34
N GLY A 1 -0.95 2.99 2.81
CA GLY A 1 -1.28 4.30 2.26
C GLY A 1 -0.37 5.37 2.91
N GLY A 2 0.22 6.25 2.00
CA GLY A 2 1.25 7.18 2.42
C GLY A 2 2.65 6.82 1.87
N ARG A 3 3.70 7.31 2.62
CA ARG A 3 5.08 6.93 2.33
C ARG A 3 5.49 5.78 3.28
N GLY A 4 6.29 4.84 2.69
CA GLY A 4 6.78 3.69 3.43
C GLY A 4 7.32 2.61 2.52
N HIS A 5 7.41 1.39 3.06
CA HIS A 5 7.91 0.25 2.29
C HIS A 5 7.22 -1.03 2.74
N VAL A 6 5.90 -0.97 2.90
CA VAL A 6 5.11 -2.12 3.32
C VAL A 6 3.75 -2.10 2.64
N PRO A 7 3.65 -2.56 1.37
CA PRO A 7 2.39 -2.54 0.62
C PRO A 7 1.19 -2.90 1.52
N GLU A 8 0.24 -1.91 1.60
CA GLU A 8 -0.90 -2.05 2.50
C GLU A 8 -1.76 -3.30 2.09
N TYR A 9 -2.28 -4.03 3.15
CA TYR A 9 -2.97 -5.31 2.97
C TYR A 9 -4.29 -5.12 2.24
N PHE A 10 -4.58 -3.87 1.96
CA PHE A 10 -5.83 -3.51 1.27
C PHE A 10 -6.14 -4.48 0.14
N VAL A 11 -7.43 -4.63 -0.17
CA VAL A 11 -7.86 -5.54 -1.22
C VAL A 11 -7.25 -5.15 -2.57
N ARG A 12 -7.00 -6.15 -3.49
CA ARG A 12 -6.45 -5.76 -4.78
C ARG A 12 -7.54 -5.11 -5.67
N GLY A 13 -7.01 -4.15 -6.49
CA GLY A 13 -7.79 -3.24 -7.32
C GLY A 13 -6.95 -2.53 -8.35
N ASP A 14 -6.38 -1.38 -7.96
CA ASP A 14 -5.55 -0.60 -8.87
C ASP A 14 -4.57 0.26 -8.10
N LEU A 15 -3.54 0.80 -8.85
CA LEU A 15 -2.51 1.59 -8.22
C LEU A 15 -1.77 0.72 -7.17
N ILE A 16 -0.72 1.36 -6.57
CA ILE A 16 0.03 0.75 -5.45
C ILE A 16 0.44 1.83 -4.47
N SER A 17 0.27 1.55 -3.19
CA SER A 17 0.62 2.50 -2.14
C SER A 17 1.17 1.76 -0.92
N PHE A 18 2.06 2.42 -0.17
CA PHE A 18 2.68 1.82 1.03
C PHE A 18 2.30 2.64 2.26
N TYR A 19 2.51 2.03 3.47
CA TYR A 19 2.30 2.74 4.73
C TYR A 19 3.54 2.54 5.61
N LYS A 20 3.52 3.31 6.76
CA LYS A 20 4.46 3.06 7.83
C LYS A 20 3.90 2.04 8.82
N GLY A 1 -0.82 3.02 3.12
CA GLY A 1 -1.41 4.29 2.74
C GLY A 1 -0.39 5.41 3.05
N GLY A 2 -0.16 6.28 2.02
CA GLY A 2 0.96 7.23 2.06
C GLY A 2 2.14 6.72 1.24
N ARG A 3 3.38 7.21 1.61
CA ARG A 3 4.62 6.64 1.13
C ARG A 3 5.21 5.73 2.23
N GLY A 4 5.66 4.52 1.77
CA GLY A 4 6.12 3.52 2.68
C GLY A 4 6.86 2.44 1.90
N HIS A 5 7.47 1.52 2.71
CA HIS A 5 8.17 0.36 2.14
C HIS A 5 7.50 -0.94 2.62
N VAL A 6 6.32 -0.81 3.22
CA VAL A 6 5.58 -1.96 3.73
C VAL A 6 4.16 -1.95 3.14
N PRO A 7 3.93 -2.62 1.99
CA PRO A 7 2.60 -2.64 1.37
C PRO A 7 1.50 -2.87 2.40
N GLU A 8 0.50 -1.92 2.36
CA GLU A 8 -0.57 -2.02 3.33
C GLU A 8 -1.29 -3.39 3.09
N TYR A 9 -2.57 -3.50 3.57
CA TYR A 9 -3.34 -4.72 3.44
C TYR A 9 -3.19 -5.31 2.03
N PHE A 10 -3.29 -6.63 1.93
CA PHE A 10 -3.14 -7.32 0.64
C PHE A 10 -4.48 -7.41 -0.09
N VAL A 11 -5.41 -6.58 0.32
CA VAL A 11 -6.74 -6.55 -0.31
C VAL A 11 -6.77 -5.56 -1.47
N ARG A 12 -7.73 -5.88 -2.41
CA ARG A 12 -7.81 -5.13 -3.63
C ARG A 12 -6.56 -5.44 -4.45
N GLY A 13 -6.66 -4.90 -5.70
CA GLY A 13 -5.49 -4.84 -6.59
C GLY A 13 -5.14 -3.42 -6.97
N ASP A 14 -5.22 -3.12 -8.26
CA ASP A 14 -4.90 -1.79 -8.76
C ASP A 14 -3.56 -1.31 -8.21
N LEU A 15 -3.32 -0.02 -8.29
CA LEU A 15 -2.07 0.57 -7.80
C LEU A 15 -1.78 0.07 -6.39
N ILE A 16 -0.57 -0.44 -6.16
CA ILE A 16 -0.19 -0.93 -4.85
C ILE A 16 -0.10 0.21 -3.84
N SER A 17 -0.69 -0.02 -2.68
CA SER A 17 -0.69 0.97 -1.60
C SER A 17 0.49 0.72 -0.66
N PHE A 18 0.95 1.78 0.13
CA PHE A 18 2.19 1.61 0.94
C PHE A 18 2.20 2.55 2.18
N TYR A 19 2.11 2.00 3.44
CA TYR A 19 2.15 2.81 4.70
C TYR A 19 3.46 2.66 5.45
N LYS A 20 3.47 3.32 6.67
CA LYS A 20 4.50 3.06 7.67
C LYS A 20 4.59 1.56 7.95
N GLY A 1 -0.72 2.32 2.91
CA GLY A 1 -0.60 3.47 2.03
C GLY A 1 -0.03 4.68 2.78
N GLY A 2 0.22 5.78 1.98
CA GLY A 2 0.95 6.93 2.45
C GLY A 2 2.31 7.00 1.75
N ARG A 3 3.33 7.53 2.52
CA ARG A 3 4.68 7.72 1.98
C ARG A 3 5.69 6.68 2.54
N GLY A 4 5.23 5.37 2.53
CA GLY A 4 5.80 4.52 1.52
C GLY A 4 6.93 3.66 2.08
N HIS A 5 6.64 2.39 2.39
CA HIS A 5 7.67 1.50 2.92
C HIS A 5 7.24 0.02 2.86
N VAL A 6 6.36 -0.44 3.78
CA VAL A 6 5.93 -1.86 3.79
C VAL A 6 4.61 -1.83 3.00
N PRO A 7 4.26 -2.89 2.20
CA PRO A 7 2.92 -2.92 1.58
C PRO A 7 1.88 -2.88 2.69
N GLU A 8 0.66 -2.34 2.35
CA GLU A 8 -0.45 -2.50 3.27
C GLU A 8 -1.07 -3.92 3.08
N TYR A 9 -2.32 -4.08 3.64
CA TYR A 9 -3.08 -5.33 3.49
C TYR A 9 -3.41 -5.56 2.01
N PHE A 10 -4.32 -6.51 1.76
CA PHE A 10 -4.71 -6.80 0.38
C PHE A 10 -5.45 -5.62 -0.24
N VAL A 11 -5.41 -5.54 -1.56
CA VAL A 11 -6.09 -4.45 -2.27
C VAL A 11 -6.23 -4.79 -3.76
N ARG A 12 -7.33 -4.29 -4.40
CA ARG A 12 -7.59 -4.52 -5.82
C ARG A 12 -8.12 -3.20 -6.43
N GLY A 13 -8.09 -3.15 -7.81
CA GLY A 13 -8.59 -2.00 -8.56
C GLY A 13 -7.66 -0.81 -8.48
N ASP A 14 -6.40 -1.05 -8.12
CA ASP A 14 -5.43 0.03 -8.00
C ASP A 14 -4.01 -0.50 -7.86
N LEU A 15 -3.04 0.40 -7.85
CA LEU A 15 -1.64 0.01 -7.72
C LEU A 15 -1.36 -0.42 -6.29
N ILE A 16 -0.11 -0.76 -6.02
CA ILE A 16 0.29 -1.21 -4.68
C ILE A 16 0.39 -0.02 -3.74
N SER A 17 -0.24 -0.16 -2.57
CA SER A 17 -0.21 0.88 -1.54
C SER A 17 0.68 0.40 -0.40
N PHE A 18 1.67 1.37 -0.05
CA PHE A 18 2.71 1.03 0.94
C PHE A 18 2.73 2.10 2.10
N TYR A 19 3.02 1.63 3.38
CA TYR A 19 3.06 2.47 4.59
C TYR A 19 4.25 2.18 5.53
N LYS A 20 4.35 2.92 6.71
CA LYS A 20 5.43 2.58 7.64
C LYS A 20 5.08 1.30 8.40
N GLY A 1 -0.82 3.31 3.13
CA GLY A 1 -1.72 4.43 2.80
C GLY A 1 -1.16 5.82 2.63
N GLY A 2 0.19 5.89 2.41
CA GLY A 2 0.79 7.22 2.32
C GLY A 2 2.29 7.17 2.52
N ARG A 3 2.93 6.81 1.35
CA ARG A 3 4.34 6.51 1.38
C ARG A 3 4.53 5.22 2.19
N GLY A 4 5.86 4.84 2.22
CA GLY A 4 6.34 3.83 3.15
C GLY A 4 7.09 2.72 2.44
N HIS A 5 7.25 1.59 3.12
CA HIS A 5 7.96 0.45 2.55
C HIS A 5 7.35 -0.86 3.05
N VAL A 6 6.02 -0.87 3.18
CA VAL A 6 5.29 -2.05 3.65
C VAL A 6 3.93 -2.11 2.97
N PRO A 7 3.82 -2.75 1.78
CA PRO A 7 2.54 -2.83 1.06
C PRO A 7 1.36 -3.07 1.99
N GLU A 8 0.53 -1.94 2.13
CA GLU A 8 -0.66 -1.89 3.02
C GLU A 8 -1.77 -2.88 2.42
N TYR A 9 -2.55 -3.63 3.32
CA TYR A 9 -3.57 -4.59 2.93
C TYR A 9 -2.96 -5.77 2.18
N PHE A 10 -3.80 -6.75 1.86
CA PHE A 10 -3.35 -7.94 1.15
C PHE A 10 -2.91 -7.58 -0.27
N VAL A 11 -2.14 -8.46 -0.90
CA VAL A 11 -1.68 -8.23 -2.25
C VAL A 11 -2.82 -8.36 -3.26
N ARG A 12 -2.70 -7.71 -4.47
CA ARG A 12 -3.65 -7.88 -5.57
C ARG A 12 -4.98 -7.20 -5.19
N GLY A 13 -5.11 -5.90 -5.65
CA GLY A 13 -6.27 -5.11 -5.33
C GLY A 13 -6.19 -3.72 -5.97
N ASP A 14 -5.72 -2.74 -5.21
CA ASP A 14 -5.60 -1.37 -5.73
C ASP A 14 -4.35 -1.27 -6.61
N LEU A 15 -3.94 -0.03 -6.90
CA LEU A 15 -2.76 0.20 -7.74
C LEU A 15 -1.49 0.07 -6.89
N ILE A 16 -1.52 -0.77 -5.81
CA ILE A 16 -0.31 -1.03 -5.00
C ILE A 16 0.26 0.26 -4.33
N SER A 17 0.10 0.31 -2.97
CA SER A 17 0.53 1.46 -2.19
C SER A 17 1.43 1.01 -1.05
N PHE A 18 1.78 1.92 -0.15
CA PHE A 18 2.65 1.57 0.98
C PHE A 18 2.40 2.52 2.16
N TYR A 19 2.65 2.04 3.43
CA TYR A 19 2.57 2.87 4.64
C TYR A 19 3.80 2.61 5.48
N LYS A 20 3.87 3.41 6.60
CA LYS A 20 4.84 3.18 7.64
C LYS A 20 4.67 4.19 8.78
N GLY A 1 -1.06 2.17 2.61
CA GLY A 1 -1.82 3.34 2.99
C GLY A 1 -1.04 4.62 2.69
N GLY A 2 -1.26 5.12 1.43
CA GLY A 2 -0.49 6.24 0.93
C GLY A 2 0.84 5.77 0.34
N ARG A 3 1.91 6.60 0.63
CA ARG A 3 3.28 6.20 0.32
C ARG A 3 3.99 5.83 1.65
N GLY A 4 4.92 4.81 1.54
CA GLY A 4 5.42 4.21 2.77
C GLY A 4 6.61 3.31 2.52
N HIS A 5 6.37 1.99 2.52
CA HIS A 5 7.45 1.02 2.30
C HIS A 5 6.90 -0.41 2.19
N VAL A 6 6.16 -0.86 3.25
CA VAL A 6 5.62 -2.23 3.18
C VAL A 6 4.34 -2.06 2.35
N PRO A 7 4.11 -2.92 1.30
CA PRO A 7 2.85 -2.87 0.54
C PRO A 7 1.72 -3.20 1.49
N GLU A 8 0.53 -2.53 1.27
CA GLU A 8 -0.57 -2.79 2.20
C GLU A 8 -1.30 -4.10 1.76
N TYR A 9 -1.48 -5.02 2.78
CA TYR A 9 -2.00 -6.37 2.54
C TYR A 9 -3.52 -6.37 2.57
N PHE A 10 -4.08 -5.25 2.95
CA PHE A 10 -5.53 -5.09 3.03
C PHE A 10 -6.14 -4.98 1.63
N VAL A 11 -6.39 -3.75 1.21
CA VAL A 11 -6.97 -3.49 -0.11
C VAL A 11 -5.88 -3.37 -1.16
N ARG A 12 -6.20 -3.70 -2.44
CA ARG A 12 -5.28 -3.44 -3.52
C ARG A 12 -6.04 -3.58 -4.83
N GLY A 13 -5.45 -2.89 -5.85
CA GLY A 13 -6.04 -2.86 -7.18
C GLY A 13 -5.48 -1.72 -8.02
N ASP A 14 -5.59 -0.51 -7.50
CA ASP A 14 -5.08 0.67 -8.20
C ASP A 14 -3.55 0.68 -8.14
N LEU A 15 -2.97 1.86 -8.27
CA LEU A 15 -1.50 2.00 -8.22
C LEU A 15 -0.94 1.21 -7.04
N ILE A 16 0.39 1.05 -7.02
CA ILE A 16 1.02 0.30 -5.93
C ILE A 16 0.68 0.91 -4.59
N SER A 17 0.38 0.06 -3.62
CA SER A 17 0.03 0.51 -2.26
C SER A 17 1.24 0.43 -1.34
N PHE A 18 1.24 1.22 -0.20
CA PHE A 18 2.43 1.26 0.68
C PHE A 18 2.10 1.92 2.05
N TYR A 19 2.20 1.18 3.21
CA TYR A 19 2.02 1.76 4.57
C TYR A 19 3.33 1.77 5.38
N LYS A 20 3.24 2.36 6.66
CA LYS A 20 4.24 2.11 7.68
C LYS A 20 3.76 2.61 9.04
N GLY A 1 -1.39 3.40 2.87
CA GLY A 1 -2.17 4.60 2.62
C GLY A 1 -1.34 5.87 2.75
N GLY A 2 -0.10 5.81 2.14
CA GLY A 2 0.77 6.95 2.09
C GLY A 2 2.13 6.54 1.51
N ARG A 3 3.22 7.18 2.10
CA ARG A 3 4.57 6.78 1.72
C ARG A 3 5.05 5.65 2.67
N GLY A 4 5.94 4.78 2.10
CA GLY A 4 6.46 3.61 2.80
C GLY A 4 6.90 2.52 1.84
N HIS A 5 7.48 1.46 2.40
CA HIS A 5 7.95 0.32 1.59
C HIS A 5 7.41 -0.99 2.15
N VAL A 6 6.23 -0.91 2.79
CA VAL A 6 5.58 -2.08 3.37
C VAL A 6 4.13 -2.15 2.91
N PRO A 7 3.85 -2.74 1.73
CA PRO A 7 2.48 -2.83 1.21
C PRO A 7 1.46 -3.14 2.30
N GLU A 8 0.43 -2.15 2.30
CA GLU A 8 -0.75 -2.11 3.21
C GLU A 8 -1.52 -3.53 2.97
N TYR A 9 -2.39 -3.99 3.96
CA TYR A 9 -3.17 -5.22 3.88
C TYR A 9 -4.15 -5.13 2.72
N PHE A 10 -4.98 -6.20 2.45
CA PHE A 10 -6.06 -6.09 1.43
C PHE A 10 -5.52 -5.92 -0.01
N VAL A 11 -5.45 -7.08 -0.73
CA VAL A 11 -4.82 -7.09 -2.06
C VAL A 11 -5.74 -6.41 -3.08
N ARG A 12 -5.13 -5.53 -3.92
CA ARG A 12 -5.88 -4.94 -5.02
C ARG A 12 -4.95 -5.02 -6.21
N GLY A 13 -5.51 -5.59 -7.32
CA GLY A 13 -4.81 -5.59 -8.60
C GLY A 13 -4.44 -4.20 -9.06
N ASP A 14 -5.22 -3.20 -8.62
CA ASP A 14 -4.96 -1.82 -9.00
C ASP A 14 -3.58 -1.38 -8.52
N LEU A 15 -3.28 -0.09 -8.64
CA LEU A 15 -1.99 0.43 -8.21
C LEU A 15 -1.76 0.12 -6.73
N ILE A 16 -0.56 -0.35 -6.41
CA ILE A 16 -0.23 -0.68 -5.03
C ILE A 16 -0.17 0.58 -4.18
N SER A 17 -0.06 0.35 -2.88
CA SER A 17 0.05 1.43 -1.89
C SER A 17 0.89 0.94 -0.73
N PHE A 18 1.45 1.94 0.04
CA PHE A 18 2.44 1.66 1.07
C PHE A 18 2.03 2.49 2.30
N TYR A 19 2.63 2.16 3.50
CA TYR A 19 2.42 2.96 4.71
C TYR A 19 3.63 2.77 5.61
N LYS A 20 3.47 3.24 6.91
CA LYS A 20 4.53 3.11 7.90
C LYS A 20 4.83 1.64 8.16
N GLY A 1 -1.05 2.89 2.21
CA GLY A 1 -1.87 4.16 2.14
C GLY A 1 -1.31 5.62 1.79
N GLY A 2 0.06 5.75 1.78
CA GLY A 2 0.89 6.86 1.37
C GLY A 2 2.36 6.49 1.29
N ARG A 3 3.27 7.35 1.87
CA ARG A 3 4.67 6.99 1.81
C ARG A 3 5.02 5.97 2.92
N GLY A 4 5.91 5.01 2.48
CA GLY A 4 6.30 3.87 3.29
C GLY A 4 6.98 2.79 2.47
N HIS A 5 7.11 1.60 3.06
CA HIS A 5 7.74 0.47 2.39
C HIS A 5 7.18 -0.85 2.93
N VAL A 6 5.87 -0.88 3.16
CA VAL A 6 5.21 -2.07 3.68
C VAL A 6 3.84 -2.22 3.01
N PRO A 7 3.75 -2.89 1.85
CA PRO A 7 2.48 -3.06 1.14
C PRO A 7 1.31 -3.32 2.10
N GLU A 8 0.36 -2.32 2.08
CA GLU A 8 -0.79 -2.30 3.01
C GLU A 8 -1.64 -3.63 2.76
N TYR A 9 -2.20 -4.26 3.88
CA TYR A 9 -2.90 -5.53 3.85
C TYR A 9 -4.05 -5.46 2.88
N PHE A 10 -4.29 -4.25 2.40
CA PHE A 10 -5.38 -3.97 1.45
C PHE A 10 -4.79 -3.84 0.03
N VAL A 11 -5.45 -4.47 -0.94
CA VAL A 11 -4.99 -4.42 -2.33
C VAL A 11 -6.18 -4.46 -3.26
N ARG A 12 -7.42 -4.35 -2.67
CA ARG A 12 -8.65 -4.34 -3.46
C ARG A 12 -9.19 -2.90 -3.44
N GLY A 13 -8.53 -2.04 -4.30
CA GLY A 13 -8.99 -0.67 -4.45
C GLY A 13 -8.24 0.08 -5.53
N ASP A 14 -6.93 0.27 -5.34
CA ASP A 14 -6.11 0.99 -6.32
C ASP A 14 -4.75 0.33 -6.49
N LEU A 15 -3.93 0.91 -7.35
CA LEU A 15 -2.59 0.38 -7.62
C LEU A 15 -1.83 0.15 -6.31
N ILE A 16 -0.87 -0.77 -6.35
CA ILE A 16 -0.05 -1.10 -5.19
C ILE A 16 0.42 0.18 -4.48
N SER A 17 0.34 0.17 -3.16
CA SER A 17 0.75 1.33 -2.35
C SER A 17 1.53 0.83 -1.13
N PHE A 18 1.86 1.75 -0.22
CA PHE A 18 2.60 1.40 0.99
C PHE A 18 2.27 2.38 2.12
N TYR A 19 2.52 1.96 3.37
CA TYR A 19 2.24 2.83 4.54
C TYR A 19 3.35 2.69 5.58
N LYS A 20 3.51 3.73 6.39
CA LYS A 20 4.53 3.72 7.43
C LYS A 20 4.19 2.69 8.50
N GLY A 1 -0.91 2.35 2.38
CA GLY A 1 -1.73 3.56 2.52
C GLY A 1 -1.28 4.84 1.78
N GLY A 2 0.07 5.12 1.87
CA GLY A 2 0.70 6.34 1.38
C GLY A 2 2.15 6.08 0.98
N ARG A 3 3.03 7.07 1.37
CA ARG A 3 4.46 6.94 1.16
C ARG A 3 5.03 6.29 2.44
N GLY A 4 4.41 5.09 2.75
CA GLY A 4 4.94 4.21 3.77
C GLY A 4 6.17 3.44 3.30
N HIS A 5 6.05 2.11 3.22
CA HIS A 5 7.18 1.30 2.78
C HIS A 5 6.76 -0.14 2.53
N VAL A 6 6.19 -0.79 3.54
CA VAL A 6 5.76 -2.18 3.41
C VAL A 6 4.38 -2.26 2.75
N PRO A 7 4.24 -2.84 1.53
CA PRO A 7 2.93 -2.95 0.88
C PRO A 7 1.87 -3.42 1.88
N GLU A 8 1.19 -2.39 2.50
CA GLU A 8 0.12 -2.54 3.50
C GLU A 8 -1.14 -3.32 2.99
N TYR A 9 -1.53 -4.47 3.71
CA TYR A 9 -2.67 -5.29 3.25
C TYR A 9 -2.51 -5.70 1.78
N PHE A 10 -3.65 -5.94 1.13
CA PHE A 10 -3.65 -6.34 -0.27
C PHE A 10 -4.98 -5.95 -0.92
N VAL A 11 -5.66 -5.01 -0.28
CA VAL A 11 -6.94 -4.52 -0.78
C VAL A 11 -6.79 -3.94 -2.18
N ARG A 12 -7.91 -3.86 -2.96
CA ARG A 12 -7.84 -3.36 -4.33
C ARG A 12 -7.72 -1.82 -4.34
N GLY A 13 -6.58 -1.32 -3.76
CA GLY A 13 -6.33 0.12 -3.68
C GLY A 13 -5.74 0.65 -4.98
N ASP A 14 -5.86 -0.09 -6.13
CA ASP A 14 -5.42 0.39 -7.44
C ASP A 14 -3.95 0.66 -7.46
N LEU A 15 -3.17 -0.17 -8.26
CA LEU A 15 -1.72 -0.06 -8.30
C LEU A 15 -1.09 -0.43 -6.97
N ILE A 16 0.24 -0.47 -6.93
CA ILE A 16 0.96 -0.82 -5.70
C ILE A 16 1.00 0.39 -4.77
N SER A 17 0.76 0.14 -3.48
CA SER A 17 0.77 1.19 -2.46
C SER A 17 1.57 0.73 -1.24
N PHE A 18 1.72 1.62 -0.26
CA PHE A 18 2.46 1.29 0.97
C PHE A 18 1.83 1.99 2.17
N TYR A 19 2.35 1.64 3.35
CA TYR A 19 1.85 2.18 4.61
C TYR A 19 1.57 3.68 4.48
N LYS A 20 0.78 4.20 5.43
CA LYS A 20 0.43 5.61 5.43
C LYS A 20 1.49 6.44 6.15
N GLY A 1 -0.72 2.48 1.85
CA GLY A 1 -1.27 3.82 2.03
C GLY A 1 -0.29 4.92 2.58
N GLY A 2 0.25 5.75 1.63
CA GLY A 2 0.74 7.09 1.96
C GLY A 2 2.16 7.26 2.53
N ARG A 3 2.46 6.59 3.71
CA ARG A 3 3.68 6.94 4.44
C ARG A 3 4.86 6.44 3.59
N GLY A 4 4.60 5.25 2.91
CA GLY A 4 5.60 4.67 1.99
C GLY A 4 6.63 3.85 2.78
N HIS A 5 6.30 2.53 3.11
CA HIS A 5 7.39 1.54 3.04
C HIS A 5 6.96 0.07 3.08
N VAL A 6 5.99 -0.28 3.98
CA VAL A 6 5.49 -1.67 4.08
C VAL A 6 4.29 -1.75 3.12
N PRO A 7 4.20 -2.82 2.28
CA PRO A 7 2.99 -3.05 1.45
C PRO A 7 1.68 -3.21 2.24
N GLU A 8 0.61 -2.51 1.69
CA GLU A 8 -0.69 -2.52 2.38
C GLU A 8 -1.41 -3.87 2.06
N TYR A 9 -2.45 -4.19 2.91
CA TYR A 9 -3.14 -5.49 2.84
C TYR A 9 -4.59 -5.32 2.40
N PHE A 10 -4.99 -4.08 2.26
CA PHE A 10 -6.37 -3.74 1.85
C PHE A 10 -6.43 -3.33 0.39
N VAL A 11 -5.41 -3.71 -0.35
CA VAL A 11 -5.34 -3.38 -1.78
C VAL A 11 -6.26 -4.30 -2.58
N ARG A 12 -7.00 -3.72 -3.59
CA ARG A 12 -7.97 -4.53 -4.33
C ARG A 12 -8.50 -3.75 -5.56
N GLY A 13 -7.55 -3.27 -6.44
CA GLY A 13 -7.94 -2.45 -7.59
C GLY A 13 -6.94 -1.36 -7.87
N ASP A 14 -6.75 -0.47 -6.90
CA ASP A 14 -5.80 0.63 -7.07
C ASP A 14 -4.42 0.10 -7.41
N LEU A 15 -3.46 1.01 -7.49
CA LEU A 15 -2.07 0.65 -7.82
C LEU A 15 -1.34 0.26 -6.55
N ILE A 16 -0.22 -0.52 -6.72
CA ILE A 16 0.49 -1.06 -5.58
C ILE A 16 1.18 0.11 -4.86
N SER A 17 1.01 0.10 -3.49
CA SER A 17 1.38 1.24 -2.67
C SER A 17 1.61 0.74 -1.23
N PHE A 18 2.11 1.68 -0.34
CA PHE A 18 2.85 1.21 0.84
C PHE A 18 2.66 2.20 2.02
N TYR A 19 2.85 1.70 3.28
CA TYR A 19 2.50 2.44 4.52
C TYR A 19 3.40 2.06 5.71
N LYS A 20 3.07 2.64 6.93
CA LYS A 20 3.79 2.28 8.15
C LYS A 20 3.07 1.14 8.86
N GLY A 1 -1.20 3.80 2.78
CA GLY A 1 -1.65 5.18 2.56
C GLY A 1 -0.63 6.33 2.73
N GLY A 2 0.68 6.09 2.35
CA GLY A 2 1.70 7.14 2.43
C GLY A 2 3.06 6.66 1.91
N ARG A 3 4.17 7.47 2.18
CA ARG A 3 5.47 6.84 2.03
C ARG A 3 5.69 5.77 3.12
N GLY A 4 6.32 4.64 2.64
CA GLY A 4 6.42 3.50 3.51
C GLY A 4 7.29 2.47 2.81
N HIS A 5 6.76 1.21 2.79
CA HIS A 5 7.44 0.08 2.16
C HIS A 5 6.50 -1.11 2.01
N VAL A 6 5.94 -1.56 3.19
CA VAL A 6 4.97 -2.66 3.16
C VAL A 6 3.69 -2.03 2.57
N PRO A 7 2.87 -2.83 1.81
CA PRO A 7 1.58 -2.33 1.34
C PRO A 7 0.62 -2.03 2.50
N GLU A 8 -0.49 -1.32 2.12
CA GLU A 8 -1.61 -1.17 3.07
C GLU A 8 -2.51 -2.43 2.91
N TYR A 9 -2.80 -2.75 1.59
CA TYR A 9 -3.73 -3.82 1.23
C TYR A 9 -2.99 -4.94 0.48
N PHE A 10 -3.25 -6.19 0.86
CA PHE A 10 -2.60 -7.34 0.23
C PHE A 10 -3.40 -7.80 -0.99
N VAL A 11 -2.82 -7.59 -2.22
CA VAL A 11 -3.47 -7.95 -3.50
C VAL A 11 -4.75 -7.08 -3.69
N ARG A 12 -5.40 -7.15 -4.91
CA ARG A 12 -6.77 -6.66 -5.09
C ARG A 12 -6.80 -5.11 -4.91
N GLY A 13 -6.37 -4.42 -6.02
CA GLY A 13 -6.23 -2.97 -5.97
C GLY A 13 -5.82 -2.41 -7.31
N ASP A 14 -6.67 -1.58 -7.88
CA ASP A 14 -6.39 -0.96 -9.18
C ASP A 14 -5.21 -0.04 -9.09
N LEU A 15 -4.70 0.09 -7.88
CA LEU A 15 -3.55 0.95 -7.60
C LEU A 15 -2.64 0.30 -6.56
N ILE A 16 -1.55 0.99 -6.21
CA ILE A 16 -0.60 0.46 -5.22
C ILE A 16 -0.12 1.59 -4.32
N SER A 17 -0.11 1.29 -3.02
CA SER A 17 0.33 2.26 -2.01
C SER A 17 1.09 1.52 -0.91
N PHE A 18 1.71 2.32 0.01
CA PHE A 18 2.51 1.77 1.07
C PHE A 18 2.11 2.49 2.37
N TYR A 19 2.51 1.91 3.54
CA TYR A 19 2.57 2.67 4.80
C TYR A 19 3.60 2.00 5.72
N LYS A 20 4.02 2.76 6.80
CA LYS A 20 4.95 2.28 7.83
C LYS A 20 5.82 1.15 7.29
N GLY A 1 -1.40 2.64 2.44
CA GLY A 1 -2.10 3.89 2.70
C GLY A 1 -1.38 5.24 2.41
N GLY A 2 -0.22 5.22 1.67
CA GLY A 2 0.52 6.44 1.37
C GLY A 2 2.02 6.20 1.06
N ARG A 3 2.88 7.13 1.64
CA ARG A 3 4.32 6.96 1.65
C ARG A 3 4.72 5.97 2.77
N GLY A 4 5.01 4.70 2.31
CA GLY A 4 5.35 3.60 3.19
C GLY A 4 6.36 2.67 2.55
N HIS A 5 7.10 1.93 3.38
CA HIS A 5 8.14 1.01 2.90
C HIS A 5 7.70 -0.45 3.03
N VAL A 6 6.46 -0.70 3.47
CA VAL A 6 5.96 -2.06 3.64
C VAL A 6 4.60 -2.21 2.96
N PRO A 7 4.46 -2.67 1.68
CA PRO A 7 3.14 -2.62 1.02
C PRO A 7 1.93 -2.99 1.93
N GLU A 8 0.92 -2.01 1.98
CA GLU A 8 -0.15 -2.19 2.96
C GLU A 8 -0.97 -3.39 2.51
N TYR A 9 -1.66 -4.08 3.50
CA TYR A 9 -2.72 -4.94 2.94
C TYR A 9 -4.04 -4.16 2.92
N PHE A 10 -4.76 -4.23 1.81
CA PHE A 10 -6.02 -3.50 1.69
C PHE A 10 -6.80 -3.95 0.47
N VAL A 11 -6.50 -5.16 0.01
CA VAL A 11 -7.18 -5.72 -1.15
C VAL A 11 -7.12 -4.70 -2.30
N ARG A 12 -7.97 -4.92 -3.38
CA ARG A 12 -7.87 -4.06 -4.54
C ARG A 12 -7.93 -2.57 -4.14
N GLY A 13 -7.03 -1.80 -4.82
CA GLY A 13 -6.82 -0.41 -4.50
C GLY A 13 -5.77 0.23 -5.39
N ASP A 14 -6.15 0.52 -6.63
CA ASP A 14 -5.24 1.14 -7.60
C ASP A 14 -3.89 0.42 -7.61
N LEU A 15 -2.87 1.12 -8.08
CA LEU A 15 -1.53 0.56 -8.15
C LEU A 15 -1.03 0.18 -6.76
N ILE A 16 0.07 -0.55 -6.72
CA ILE A 16 0.67 -0.96 -5.45
C ILE A 16 0.91 0.28 -4.59
N SER A 17 0.44 0.23 -3.34
CA SER A 17 0.59 1.34 -2.40
C SER A 17 1.43 0.90 -1.20
N PHE A 18 1.82 1.87 -0.30
CA PHE A 18 2.73 1.58 0.83
C PHE A 18 2.01 2.19 2.03
N TYR A 19 2.50 1.94 3.30
CA TYR A 19 1.79 2.53 4.46
C TYR A 19 1.83 4.07 4.37
N LYS A 20 1.10 4.76 5.33
CA LYS A 20 0.98 6.21 5.27
C LYS A 20 2.35 6.87 5.34
N GLY A 1 -0.51 2.54 1.60
CA GLY A 1 -1.00 3.91 1.71
C GLY A 1 0.04 4.98 2.16
N GLY A 2 0.55 5.77 1.15
CA GLY A 2 1.08 7.11 1.40
C GLY A 2 2.51 7.29 1.94
N ARG A 3 2.80 6.65 3.14
CA ARG A 3 4.05 6.98 3.83
C ARG A 3 5.21 6.42 2.97
N GLY A 4 4.90 5.21 2.35
CA GLY A 4 5.86 4.56 1.44
C GLY A 4 6.88 3.74 2.23
N HIS A 5 6.44 2.51 2.70
CA HIS A 5 7.29 1.68 3.55
C HIS A 5 7.01 0.19 3.36
N VAL A 6 5.92 -0.29 3.97
CA VAL A 6 5.55 -1.72 3.91
C VAL A 6 4.26 -1.95 3.08
N PRO A 7 4.24 -2.87 2.06
CA PRO A 7 3.02 -3.09 1.27
C PRO A 7 1.72 -3.18 2.10
N GLU A 8 0.66 -2.48 1.54
CA GLU A 8 -0.62 -2.42 2.25
C GLU A 8 -1.38 -3.76 2.00
N TYR A 9 -2.42 -4.00 2.89
CA TYR A 9 -3.15 -5.29 2.88
C TYR A 9 -4.59 -5.09 2.46
N PHE A 10 -4.97 -3.84 2.28
CA PHE A 10 -6.35 -3.49 1.89
C PHE A 10 -6.42 -3.12 0.42
N VAL A 11 -5.43 -3.58 -0.33
CA VAL A 11 -5.38 -3.30 -1.77
C VAL A 11 -6.35 -4.22 -2.51
N ARG A 12 -7.10 -3.67 -3.53
CA ARG A 12 -8.10 -4.48 -4.23
C ARG A 12 -8.64 -3.74 -5.47
N GLY A 13 -7.70 -3.32 -6.39
CA GLY A 13 -8.09 -2.54 -7.56
C GLY A 13 -7.06 -1.49 -7.91
N ASP A 14 -6.82 -0.57 -6.98
CA ASP A 14 -5.85 0.49 -7.21
C ASP A 14 -4.49 -0.09 -7.57
N LEU A 15 -3.50 0.78 -7.70
CA LEU A 15 -2.14 0.38 -8.04
C LEU A 15 -1.37 0.02 -6.76
N ILE A 16 -0.31 -0.77 -6.90
CA ILE A 16 0.50 -1.17 -5.75
C ILE A 16 0.76 0.05 -4.85
N SER A 17 0.61 -0.16 -3.54
CA SER A 17 0.84 0.91 -2.56
C SER A 17 1.50 0.34 -1.32
N PHE A 18 2.01 1.27 -0.43
CA PHE A 18 2.88 0.84 0.66
C PHE A 18 2.76 1.89 1.80
N TYR A 19 2.73 1.42 3.09
CA TYR A 19 2.48 2.29 4.25
C TYR A 19 3.37 1.94 5.44
N LYS A 20 3.38 2.82 6.50
CA LYS A 20 4.11 2.48 7.72
C LYS A 20 3.38 1.39 8.50
N GLY A 1 -1.39 3.04 2.77
CA GLY A 1 -1.80 4.41 3.12
C GLY A 1 -1.27 5.56 2.22
N GLY A 2 -0.01 6.05 2.61
CA GLY A 2 0.76 6.93 1.78
C GLY A 2 2.09 6.32 1.38
N ARG A 3 3.18 7.15 1.51
CA ARG A 3 4.50 6.67 1.10
C ARG A 3 5.06 5.69 2.16
N GLY A 4 5.82 4.67 1.62
CA GLY A 4 6.32 3.57 2.44
C GLY A 4 6.64 2.35 1.61
N HIS A 5 7.33 1.38 2.21
CA HIS A 5 7.70 0.14 1.51
C HIS A 5 7.15 -1.08 2.26
N VAL A 6 6.04 -0.87 2.98
CA VAL A 6 5.38 -1.93 3.72
C VAL A 6 3.92 -2.02 3.30
N PRO A 7 3.62 -2.63 2.15
CA PRO A 7 2.25 -2.73 1.64
C PRO A 7 1.22 -2.96 2.73
N GLU A 8 0.27 -1.97 2.86
CA GLU A 8 -0.76 -1.95 3.91
C GLU A 8 -2.05 -2.77 3.57
N TYR A 9 -1.92 -4.17 3.55
CA TYR A 9 -3.00 -5.06 3.11
C TYR A 9 -3.64 -4.58 1.79
N PHE A 10 -4.89 -5.01 1.42
CA PHE A 10 -5.60 -4.32 0.31
C PHE A 10 -4.94 -4.50 -1.09
N VAL A 11 -5.65 -5.29 -1.96
CA VAL A 11 -5.09 -5.64 -3.26
C VAL A 11 -6.13 -5.36 -4.35
N ARG A 12 -5.65 -4.78 -5.49
CA ARG A 12 -6.54 -4.22 -6.47
C ARG A 12 -5.83 -4.16 -7.83
N GLY A 13 -6.64 -3.73 -8.85
CA GLY A 13 -6.10 -3.40 -10.16
C GLY A 13 -5.05 -2.32 -10.09
N ASP A 14 -3.84 -2.72 -9.72
CA ASP A 14 -2.70 -1.81 -9.60
C ASP A 14 -2.74 -1.08 -8.26
N LEU A 15 -1.81 -0.15 -8.07
CA LEU A 15 -1.74 0.60 -6.81
C LEU A 15 -1.69 -0.36 -5.63
N ILE A 16 -0.48 -0.57 -5.11
CA ILE A 16 -0.28 -1.49 -3.98
C ILE A 16 -0.41 -0.77 -2.66
N SER A 17 -0.22 0.60 -2.60
CA SER A 17 -0.58 1.32 -1.36
C SER A 17 0.20 0.90 -0.07
N PHE A 18 1.12 1.83 0.36
CA PHE A 18 2.09 1.50 1.41
C PHE A 18 1.95 2.47 2.59
N TYR A 19 2.74 2.24 3.64
CA TYR A 19 2.70 3.11 4.81
C TYR A 19 4.02 3.02 5.60
N LYS A 20 4.22 3.95 6.52
CA LYS A 20 5.43 3.97 7.32
C LYS A 20 5.52 2.70 8.18
#